data_6AIG
#
_entry.id   6AIG
#
_cell.length_a   69.028
_cell.length_b   69.028
_cell.length_c   120.857
_cell.angle_alpha   90.00
_cell.angle_beta   90.00
_cell.angle_gamma   90.00
#
_symmetry.space_group_name_H-M   'P 43 21 2'
#
loop_
_entity.id
_entity.type
_entity.pdbx_description
1 polymer 'DNA polymerase sliding clamp 1'
2 water water
#
_entity_poly.entity_id   1
_entity_poly.type   'polypeptide(L)'
_entity_poly.pdbx_seq_one_letter_code
;MSSEATLDSEFTDYKAMFRYEAKVFKELVDSVSKILDEGLFIITGEGLRLRGMDPARVALVDIEIPSSSFFDFYMAGDVE
RVELGVNMETLKGVVARAKKGDQLEVRVREDKVLFIVESVVLRRYLLPNLEVIVDVPEDISLEFDATATVIADVVKKTLR
DVELVGDIVEFDAGEDYLSIRSVGPERRRVETRLTRESPALIDLEVKEPATSRYDVGYLKRMLGVAKIAESIELSFSTDK
PLKMVFKSPDGSRVTYLLAPSTG
;
_entity_poly.pdbx_strand_id   A
#
# COMPACT_ATOMS: atom_id res chain seq x y z
N ALA A 5 -8.59 -24.00 -27.51
CA ALA A 5 -8.82 -22.72 -28.22
C ALA A 5 -10.03 -22.02 -27.60
N THR A 6 -10.00 -20.70 -27.68
CA THR A 6 -11.02 -19.84 -27.14
C THR A 6 -11.50 -19.00 -28.30
N LEU A 7 -12.53 -18.18 -28.07
CA LEU A 7 -13.00 -17.28 -29.08
C LEU A 7 -12.06 -16.08 -29.24
N ASP A 8 -11.11 -15.89 -28.32
CA ASP A 8 -10.07 -14.82 -28.47
C ASP A 8 -9.04 -15.23 -29.55
N SER A 9 -8.72 -14.29 -30.43
CA SER A 9 -7.74 -14.56 -31.49
C SER A 9 -6.37 -13.93 -31.16
N GLU A 10 -6.32 -13.04 -30.14
CA GLU A 10 -5.10 -12.29 -29.75
C GLU A 10 -4.59 -12.78 -28.39
N PHE A 11 -3.28 -13.06 -28.31
CA PHE A 11 -2.53 -13.25 -27.04
C PHE A 11 -2.94 -14.56 -26.33
N THR A 12 -2.95 -15.67 -27.06
CA THR A 12 -3.64 -16.90 -26.69
C THR A 12 -2.73 -17.82 -25.87
N ASP A 13 -1.44 -17.51 -25.79
CA ASP A 13 -0.46 -18.25 -24.99
C ASP A 13 -0.42 -17.73 -23.54
N TYR A 14 -1.04 -16.58 -23.26
CA TYR A 14 -1.01 -15.96 -21.89
C TYR A 14 -2.03 -16.62 -20.96
N LYS A 15 -1.76 -16.66 -19.65
CA LYS A 15 -2.57 -17.39 -18.73
C LYS A 15 -3.52 -16.44 -17.99
N ALA A 16 -3.20 -15.15 -17.90
CA ALA A 16 -4.07 -14.17 -17.29
C ALA A 16 -3.87 -12.84 -17.99
N MET A 17 -4.91 -12.03 -17.93
CA MET A 17 -4.83 -10.66 -18.42
C MET A 17 -5.68 -9.78 -17.52
N PHE A 18 -5.28 -8.54 -17.41
CA PHE A 18 -6.13 -7.54 -16.86
C PHE A 18 -5.85 -6.20 -17.50
N ARG A 19 -6.84 -5.34 -17.36
CA ARG A 19 -6.73 -3.98 -17.76
C ARG A 19 -7.20 -3.12 -16.62
N TYR A 20 -6.52 -2.00 -16.43
CA TYR A 20 -6.64 -1.16 -15.29
C TYR A 20 -6.19 0.25 -15.67
N GLU A 21 -6.44 1.18 -14.77
CA GLU A 21 -6.05 2.57 -14.94
C GLU A 21 -4.53 2.67 -14.65
N ALA A 22 -3.76 3.09 -15.64
CA ALA A 22 -2.31 3.16 -15.55
C ALA A 22 -1.87 4.07 -14.40
N LYS A 23 -2.61 5.16 -14.16
CA LYS A 23 -2.19 6.16 -13.15
C LYS A 23 -2.41 5.58 -11.75
N VAL A 24 -3.49 4.84 -11.53
CA VAL A 24 -3.73 4.26 -10.21
C VAL A 24 -2.72 3.12 -10.02
N PHE A 25 -2.46 2.35 -11.07
CA PHE A 25 -1.49 1.29 -10.98
C PHE A 25 -0.10 1.85 -10.62
N LYS A 26 0.27 3.01 -11.19
CA LYS A 26 1.53 3.66 -10.92
C LYS A 26 1.61 4.01 -9.43
N GLU A 27 0.51 4.51 -8.89
CA GLU A 27 0.44 4.81 -7.44
C GLU A 27 0.56 3.52 -6.61
N LEU A 28 -0.10 2.43 -7.04
CA LEU A 28 0.03 1.18 -6.30
C LEU A 28 1.47 0.65 -6.36
N VAL A 29 2.10 0.72 -7.54
CA VAL A 29 3.46 0.30 -7.70
C VAL A 29 4.40 1.09 -6.77
N ASP A 30 4.28 2.41 -6.78
CA ASP A 30 5.11 3.28 -5.94
C ASP A 30 4.96 2.91 -4.44
N SER A 31 3.72 2.63 -4.03
CA SER A 31 3.47 2.26 -2.64
C SER A 31 4.24 0.98 -2.25
N VAL A 32 4.39 0.02 -3.17
CA VAL A 32 5.06 -1.21 -2.93
C VAL A 32 6.57 -0.96 -2.92
N SER A 33 7.05 -0.15 -3.87
CA SER A 33 8.47 0.11 -4.06
C SER A 33 9.08 0.73 -2.79
N LYS A 34 8.26 1.31 -1.90
CA LYS A 34 8.79 1.95 -0.67
C LYS A 34 9.26 0.85 0.29
N ILE A 35 8.70 -0.34 0.14
CA ILE A 35 8.99 -1.46 1.03
C ILE A 35 9.87 -2.53 0.37
N LEU A 36 9.56 -2.90 -0.88
CA LEU A 36 10.08 -4.09 -1.57
C LEU A 36 10.88 -3.66 -2.79
N ASP A 37 11.99 -4.33 -3.08
CA ASP A 37 12.62 -4.20 -4.41
C ASP A 37 11.90 -5.06 -5.47
N GLU A 38 11.65 -6.35 -5.18
CA GLU A 38 10.94 -7.24 -6.11
C GLU A 38 9.67 -7.71 -5.40
N GLY A 39 8.55 -7.81 -6.13
CA GLY A 39 7.34 -8.26 -5.57
C GLY A 39 6.76 -9.37 -6.38
N LEU A 40 5.98 -10.21 -5.71
CA LEU A 40 5.30 -11.26 -6.35
C LEU A 40 3.79 -10.94 -6.29
N PHE A 41 3.23 -10.52 -7.40
CA PHE A 41 1.81 -10.38 -7.54
C PHE A 41 1.21 -11.75 -7.83
N ILE A 42 0.05 -12.00 -7.25
CA ILE A 42 -0.70 -13.20 -7.52
C ILE A 42 -2.01 -12.80 -8.17
N ILE A 43 -2.36 -13.44 -9.28
CA ILE A 43 -3.62 -13.26 -9.90
C ILE A 43 -4.42 -14.54 -9.69
N THR A 44 -5.62 -14.39 -9.12
CA THR A 44 -6.63 -15.42 -8.99
C THR A 44 -7.98 -14.86 -9.44
N GLY A 45 -8.99 -15.73 -9.41
CA GLY A 45 -10.37 -15.34 -9.68
C GLY A 45 -10.80 -14.19 -8.80
N GLU A 46 -10.22 -14.03 -7.61
CA GLU A 46 -10.62 -12.93 -6.72
C GLU A 46 -10.03 -11.58 -7.16
N GLY A 47 -8.95 -11.60 -7.94
CA GLY A 47 -8.29 -10.37 -8.39
C GLY A 47 -6.79 -10.48 -8.16
N LEU A 48 -6.15 -9.33 -7.89
CA LEU A 48 -4.70 -9.21 -7.81
C LEU A 48 -4.35 -8.96 -6.35
N ARG A 49 -3.31 -9.62 -5.87
CA ARG A 49 -2.87 -9.48 -4.48
C ARG A 49 -1.33 -9.51 -4.47
N LEU A 50 -0.74 -8.72 -3.59
CA LEU A 50 0.65 -8.80 -3.28
C LEU A 50 0.79 -8.58 -1.77
N ARG A 51 1.71 -9.30 -1.14
CA ARG A 51 2.01 -9.06 0.28
CA ARG A 51 2.00 -9.10 0.27
C ARG A 51 3.48 -9.41 0.49
N GLY A 52 4.23 -8.48 1.08
CA GLY A 52 5.62 -8.89 1.42
C GLY A 52 6.24 -7.90 2.38
N MET A 53 7.33 -8.35 2.99
CA MET A 53 8.05 -7.61 3.99
C MET A 53 9.33 -7.13 3.34
N ASP A 54 9.84 -6.05 3.89
CA ASP A 54 11.15 -5.61 3.59
C ASP A 54 12.18 -6.59 4.18
N PRO A 55 13.46 -6.51 3.76
CA PRO A 55 14.49 -7.42 4.22
C PRO A 55 14.74 -7.39 5.75
N ALA A 56 14.54 -6.23 6.37
CA ALA A 56 14.73 -6.08 7.81
C ALA A 56 13.53 -6.69 8.58
N ARG A 57 12.44 -7.03 7.89
CA ARG A 57 11.27 -7.56 8.48
C ARG A 57 10.66 -6.54 9.43
N VAL A 58 10.83 -5.26 9.10
CA VAL A 58 10.27 -4.21 9.95
C VAL A 58 8.97 -3.68 9.35
N ALA A 59 8.78 -3.80 8.02
CA ALA A 59 7.62 -3.23 7.39
C ALA A 59 7.06 -4.23 6.41
N LEU A 60 5.74 -4.16 6.22
CA LEU A 60 5.06 -4.97 5.27
C LEU A 60 4.11 -4.13 4.43
N VAL A 61 3.92 -4.53 3.18
CA VAL A 61 2.91 -3.89 2.34
C VAL A 61 2.04 -5.00 1.78
N ASP A 62 0.77 -4.67 1.64
CA ASP A 62 -0.25 -5.61 1.11
C ASP A 62 -1.11 -4.80 0.13
N ILE A 63 -1.22 -5.23 -1.12
CA ILE A 63 -2.02 -4.57 -2.18
C ILE A 63 -3.12 -5.55 -2.54
N GLU A 64 -4.37 -5.07 -2.69
CA GLU A 64 -5.46 -5.89 -3.20
C GLU A 64 -6.25 -5.07 -4.21
N ILE A 65 -6.42 -5.61 -5.42
CA ILE A 65 -7.33 -5.09 -6.43
C ILE A 65 -8.33 -6.19 -6.72
N PRO A 66 -9.59 -6.05 -6.25
CA PRO A 66 -10.59 -7.06 -6.53
C PRO A 66 -10.84 -7.14 -8.05
N SER A 67 -11.14 -8.34 -8.51
CA SER A 67 -11.37 -8.58 -9.91
C SER A 67 -12.45 -7.61 -10.45
N SER A 68 -13.45 -7.26 -9.63
CA SER A 68 -14.50 -6.30 -10.08
C SER A 68 -13.95 -4.88 -10.29
N SER A 69 -12.82 -4.52 -9.70
CA SER A 69 -12.23 -3.21 -9.93
C SER A 69 -11.54 -3.12 -11.29
N PHE A 70 -11.34 -4.24 -12.02
CA PHE A 70 -10.61 -4.16 -13.28
C PHE A 70 -11.55 -3.82 -14.44
N PHE A 71 -11.01 -3.17 -15.46
CA PHE A 71 -11.79 -2.89 -16.67
C PHE A 71 -12.10 -4.16 -17.42
N ASP A 72 -11.12 -5.07 -17.49
CA ASP A 72 -11.21 -6.33 -18.05
C ASP A 72 -10.29 -7.25 -17.22
N PHE A 73 -10.60 -8.54 -17.25
CA PHE A 73 -9.91 -9.49 -16.38
C PHE A 73 -10.30 -10.87 -16.84
N TYR A 74 -9.34 -11.73 -17.18
CA TYR A 74 -9.60 -13.13 -17.28
C TYR A 74 -8.35 -13.98 -17.14
N MET A 75 -8.62 -15.25 -16.84
CA MET A 75 -7.61 -16.24 -16.66
C MET A 75 -7.92 -17.44 -17.55
N ALA A 76 -6.88 -18.15 -18.00
CA ALA A 76 -7.09 -19.34 -18.81
C ALA A 76 -7.77 -20.43 -17.94
N GLY A 77 -8.57 -21.31 -18.56
CA GLY A 77 -9.44 -22.23 -17.78
C GLY A 77 -8.69 -23.28 -16.97
N ASP A 78 -7.46 -23.62 -17.36
CA ASP A 78 -6.71 -24.68 -16.68
C ASP A 78 -5.91 -24.11 -15.49
N VAL A 79 -6.31 -22.94 -14.95
CA VAL A 79 -5.40 -22.23 -14.04
C VAL A 79 -6.19 -21.49 -12.94
N GLU A 80 -5.79 -21.67 -11.69
CA GLU A 80 -6.41 -21.03 -10.56
C GLU A 80 -5.60 -19.81 -10.08
N ARG A 81 -4.30 -19.86 -10.29
CA ARG A 81 -3.38 -18.91 -9.71
C ARG A 81 -2.25 -18.68 -10.71
N VAL A 82 -1.95 -17.41 -10.98
CA VAL A 82 -0.89 -17.00 -11.91
C VAL A 82 0.02 -15.99 -11.18
N GLU A 83 1.30 -16.29 -11.06
CA GLU A 83 2.26 -15.43 -10.37
C GLU A 83 2.90 -14.46 -11.37
N LEU A 84 3.19 -13.26 -10.90
CA LEU A 84 3.79 -12.19 -11.67
C LEU A 84 4.89 -11.62 -10.77
N GLY A 85 6.13 -12.06 -10.97
CA GLY A 85 7.30 -11.58 -10.26
C GLY A 85 7.92 -10.41 -11.01
N VAL A 86 8.09 -9.28 -10.31
CA VAL A 86 8.55 -8.11 -11.00
C VAL A 86 9.35 -7.23 -10.04
N ASN A 87 10.36 -6.60 -10.62
CA ASN A 87 11.15 -5.59 -9.95
C ASN A 87 10.41 -4.25 -9.96
N MET A 88 10.29 -3.58 -8.79
CA MET A 88 9.38 -2.43 -8.72
C MET A 88 9.98 -1.24 -9.50
N GLU A 89 11.30 -1.10 -9.50
CA GLU A 89 11.94 0.01 -10.28
C GLU A 89 11.67 -0.18 -11.78
N THR A 90 11.71 -1.41 -12.26
CA THR A 90 11.42 -1.66 -13.66
C THR A 90 9.94 -1.33 -13.97
N LEU A 91 9.05 -1.77 -13.10
CA LEU A 91 7.63 -1.56 -13.26
C LEU A 91 7.29 -0.06 -13.24
N LYS A 92 7.93 0.73 -12.37
CA LYS A 92 7.72 2.22 -12.44
C LYS A 92 8.12 2.76 -13.80
N GLY A 93 9.22 2.23 -14.37
CA GLY A 93 9.61 2.59 -15.71
C GLY A 93 8.49 2.31 -16.71
N VAL A 94 7.79 1.18 -16.57
CA VAL A 94 6.77 0.80 -17.56
C VAL A 94 5.60 1.82 -17.56
N VAL A 95 5.22 2.28 -16.37
CA VAL A 95 4.03 3.11 -16.26
C VAL A 95 4.41 4.56 -15.95
N ALA A 96 5.68 4.92 -16.13
CA ALA A 96 6.16 6.23 -15.73
C ALA A 96 5.30 7.35 -16.36
N ARG A 97 4.93 7.24 -17.63
CA ARG A 97 4.33 8.43 -18.27
C ARG A 97 2.84 8.66 -17.84
N ALA A 98 2.25 7.79 -17.00
CA ALA A 98 0.77 7.63 -16.87
C ALA A 98 0.05 8.91 -16.40
N LYS A 99 -1.03 9.25 -17.14
CA LYS A 99 -1.98 10.32 -16.86
C LYS A 99 -3.39 9.72 -16.76
N LYS A 100 -4.33 10.51 -16.21
CA LYS A 100 -5.72 10.08 -16.03
C LYS A 100 -6.25 9.50 -17.34
N GLY A 101 -6.90 8.34 -17.29
CA GLY A 101 -7.56 7.81 -18.49
C GLY A 101 -6.64 6.95 -19.34
N ASP A 102 -5.31 7.05 -19.16
CA ASP A 102 -4.38 6.03 -19.75
C ASP A 102 -4.71 4.65 -19.17
N GLN A 103 -4.81 3.67 -20.05
CA GLN A 103 -5.12 2.32 -19.69
C GLN A 103 -3.82 1.48 -19.70
N LEU A 104 -3.71 0.57 -18.76
CA LEU A 104 -2.65 -0.42 -18.73
C LEU A 104 -3.30 -1.79 -18.97
N GLU A 105 -2.70 -2.57 -19.84
CA GLU A 105 -3.05 -3.91 -20.00
C GLU A 105 -1.84 -4.79 -19.67
N VAL A 106 -2.09 -5.85 -18.92
CA VAL A 106 -1.06 -6.77 -18.46
C VAL A 106 -1.47 -8.18 -18.82
N ARG A 107 -0.60 -8.93 -19.49
CA ARG A 107 -0.85 -10.31 -19.81
C ARG A 107 0.34 -11.12 -19.30
N VAL A 108 0.04 -12.23 -18.66
CA VAL A 108 1.00 -12.95 -17.86
C VAL A 108 1.05 -14.41 -18.33
N ARG A 109 2.26 -14.90 -18.54
CA ARG A 109 2.59 -16.30 -18.72
C ARG A 109 3.73 -16.63 -17.76
N GLU A 110 4.12 -17.90 -17.72
CA GLU A 110 5.13 -18.35 -16.75
C GLU A 110 6.51 -17.72 -17.02
N ASP A 111 6.84 -17.43 -18.30
CA ASP A 111 8.19 -17.03 -18.70
C ASP A 111 8.22 -15.53 -19.04
N LYS A 112 7.06 -14.87 -19.20
CA LYS A 112 7.06 -13.49 -19.65
C LYS A 112 5.77 -12.76 -19.30
N VAL A 113 5.92 -11.43 -19.20
CA VAL A 113 4.87 -10.50 -18.80
C VAL A 113 4.85 -9.35 -19.80
N LEU A 114 3.72 -9.26 -20.50
CA LEU A 114 3.49 -8.22 -21.46
C LEU A 114 2.75 -7.07 -20.81
N PHE A 115 3.26 -5.86 -21.00
CA PHE A 115 2.62 -4.66 -20.57
C PHE A 115 2.34 -3.77 -21.79
N ILE A 116 1.11 -3.27 -21.88
CA ILE A 116 0.73 -2.35 -22.96
C ILE A 116 0.11 -1.14 -22.27
N VAL A 117 0.71 0.03 -22.46
CA VAL A 117 0.24 1.21 -21.90
C VAL A 117 -0.27 2.11 -23.04
N GLU A 118 -1.54 2.50 -22.97
CA GLU A 118 -2.11 3.46 -23.87
C GLU A 118 -1.97 4.86 -23.27
N SER A 119 -0.94 5.58 -23.70
CA SER A 119 -0.68 6.95 -23.30
C SER A 119 -0.65 7.81 -24.57
N VAL A 120 0.28 8.77 -24.64
CA VAL A 120 0.51 9.61 -25.80
C VAL A 120 0.84 8.71 -26.99
N VAL A 121 1.74 7.75 -26.74
CA VAL A 121 2.03 6.72 -27.70
C VAL A 121 1.58 5.38 -27.08
N LEU A 122 1.54 4.32 -27.88
CA LEU A 122 1.31 3.01 -27.37
C LEU A 122 2.65 2.45 -26.90
N ARG A 123 2.82 2.23 -25.60
CA ARG A 123 4.07 1.66 -25.11
C ARG A 123 3.86 0.16 -24.86
N ARG A 124 4.79 -0.66 -25.30
CA ARG A 124 4.75 -2.10 -25.14
C ARG A 124 6.05 -2.55 -24.47
N TYR A 125 5.95 -3.39 -23.44
CA TYR A 125 7.07 -3.95 -22.80
C TYR A 125 6.81 -5.42 -22.58
N LEU A 126 7.90 -6.18 -22.59
CA LEU A 126 7.87 -7.56 -22.43
C LEU A 126 8.98 -7.90 -21.43
N LEU A 127 8.59 -8.32 -20.25
CA LEU A 127 9.53 -8.53 -19.14
C LEU A 127 9.66 -10.02 -18.90
N PRO A 128 10.81 -10.51 -18.38
CA PRO A 128 10.88 -11.84 -17.82
C PRO A 128 9.93 -11.91 -16.62
N ASN A 129 9.35 -13.06 -16.36
CA ASN A 129 8.58 -13.29 -15.15
C ASN A 129 9.53 -13.79 -14.05
N LEU A 130 9.86 -12.95 -13.08
CA LEU A 130 10.86 -13.27 -12.07
C LEU A 130 10.32 -14.21 -10.98
N GLU A 131 11.21 -15.09 -10.55
CA GLU A 131 11.11 -15.87 -9.30
C GLU A 131 11.43 -14.94 -8.13
N VAL A 132 10.47 -14.71 -7.26
CA VAL A 132 10.61 -13.79 -6.15
C VAL A 132 10.32 -14.57 -4.85
N ILE A 133 11.19 -14.45 -3.84
CA ILE A 133 10.93 -14.99 -2.49
C ILE A 133 9.92 -14.08 -1.79
N VAL A 134 8.86 -14.67 -1.25
CA VAL A 134 7.90 -13.91 -0.41
C VAL A 134 8.22 -14.19 1.07
N ASP A 135 8.28 -13.13 1.87
CA ASP A 135 8.40 -13.26 3.34
C ASP A 135 7.23 -12.54 4.00
N VAL A 136 6.50 -13.24 4.83
CA VAL A 136 5.43 -12.59 5.57
C VAL A 136 5.54 -12.98 7.04
N PRO A 137 5.01 -12.17 7.96
CA PRO A 137 5.09 -12.51 9.37
C PRO A 137 4.07 -13.63 9.67
N GLU A 138 4.28 -14.26 10.81
CA GLU A 138 3.46 -15.39 11.28
C GLU A 138 1.99 -14.95 11.42
N ASP A 139 1.06 -15.81 10.98
CA ASP A 139 -0.38 -15.52 11.07
C ASP A 139 -0.89 -15.83 12.50
N ILE A 140 -1.15 -14.77 13.30
CA ILE A 140 -1.69 -14.88 14.66
C ILE A 140 -2.86 -13.90 14.81
N SER A 141 -3.57 -13.96 15.94
CA SER A 141 -4.49 -12.87 16.31
C SER A 141 -3.66 -11.62 16.63
N LEU A 142 -3.57 -10.68 15.68
CA LEU A 142 -3.12 -9.33 15.97
C LEU A 142 -4.31 -8.58 16.56
N GLU A 143 -4.16 -8.16 17.82
CA GLU A 143 -5.15 -7.38 18.53
C GLU A 143 -4.73 -5.91 18.41
N PHE A 144 -5.69 -5.03 18.09
CA PHE A 144 -5.43 -3.60 18.07
C PHE A 144 -6.27 -2.94 19.16
N ASP A 145 -5.58 -2.35 20.14
CA ASP A 145 -6.23 -1.64 21.21
C ASP A 145 -6.86 -0.32 20.77
N ALA A 146 -6.31 0.32 19.73
CA ALA A 146 -6.77 1.59 19.31
C ALA A 146 -6.93 1.59 17.80
N THR A 147 -8.03 2.12 17.31
CA THR A 147 -8.28 2.32 15.89
C THR A 147 -8.84 3.73 15.69
N ALA A 148 -8.47 4.36 14.58
CA ALA A 148 -8.89 5.68 14.22
C ALA A 148 -8.93 5.82 12.70
N THR A 149 -9.96 6.48 12.18
CA THR A 149 -9.99 6.91 10.80
C THR A 149 -9.73 8.41 10.80
N VAL A 150 -8.73 8.83 10.04
CA VAL A 150 -8.24 10.16 9.99
C VAL A 150 -8.07 10.60 8.55
N ILE A 151 -8.40 11.86 8.26
CA ILE A 151 -8.11 12.47 6.96
C ILE A 151 -6.60 12.32 6.71
N ALA A 152 -6.27 11.75 5.56
CA ALA A 152 -4.93 11.31 5.29
C ALA A 152 -3.97 12.50 5.20
N ASP A 153 -4.43 13.60 4.59
CA ASP A 153 -3.58 14.80 4.42
C ASP A 153 -3.16 15.31 5.79
N VAL A 154 -4.01 15.15 6.81
CA VAL A 154 -3.65 15.64 8.13
C VAL A 154 -2.55 14.77 8.74
N VAL A 155 -2.63 13.45 8.54
CA VAL A 155 -1.57 12.59 9.06
C VAL A 155 -0.23 12.93 8.35
N LYS A 156 -0.29 13.07 7.04
CA LYS A 156 0.88 13.35 6.22
C LYS A 156 1.52 14.67 6.67
N LYS A 157 0.71 15.72 6.86
CA LYS A 157 1.25 17.02 7.31
C LYS A 157 1.84 16.91 8.72
N THR A 158 1.22 16.11 9.59
CA THR A 158 1.74 15.88 10.94
C THR A 158 3.12 15.23 10.89
N LEU A 159 3.27 14.20 10.07
CA LEU A 159 4.49 13.51 9.97
C LEU A 159 5.58 14.44 9.41
N ARG A 160 5.21 15.24 8.42
CA ARG A 160 6.12 16.26 7.85
CA ARG A 160 6.09 16.26 7.85
C ARG A 160 6.67 17.11 8.99
N ASP A 161 5.79 17.61 9.85
CA ASP A 161 6.14 18.51 10.92
C ASP A 161 6.97 17.80 12.00
N VAL A 162 6.61 16.57 12.36
CA VAL A 162 7.40 15.78 13.32
C VAL A 162 8.85 15.60 12.81
N GLU A 163 8.98 15.31 11.54
CA GLU A 163 10.29 15.05 10.96
C GLU A 163 11.19 16.30 11.01
N LEU A 164 10.60 17.50 11.02
CA LEU A 164 11.37 18.72 11.26
C LEU A 164 12.13 18.63 12.58
N VAL A 165 11.58 17.98 13.60
CA VAL A 165 12.19 18.09 14.89
C VAL A 165 12.74 16.76 15.42
N GLY A 166 12.51 15.59 14.78
CA GLY A 166 13.16 14.31 15.26
C GLY A 166 12.86 13.16 14.31
N ASP A 167 13.32 11.96 14.62
CA ASP A 167 13.17 10.87 13.65
C ASP A 167 12.20 9.81 14.19
N ILE A 168 11.57 10.09 15.33
CA ILE A 168 10.64 9.16 15.94
C ILE A 168 9.30 9.89 16.12
N VAL A 169 8.18 9.24 15.81
CA VAL A 169 6.84 9.78 16.01
C VAL A 169 6.16 8.85 17.00
N GLU A 170 5.47 9.45 17.95
CA GLU A 170 4.71 8.71 18.96
C GLU A 170 3.22 8.87 18.67
N PHE A 171 2.49 7.77 18.69
CA PHE A 171 1.03 7.72 18.62
C PHE A 171 0.51 7.42 20.02
N ASP A 172 -0.34 8.29 20.53
CA ASP A 172 -0.87 8.22 21.91
C ASP A 172 -2.39 8.26 21.79
N ALA A 173 -3.04 7.14 22.08
CA ALA A 173 -4.50 7.12 22.07
C ALA A 173 -5.02 6.98 23.50
N GLY A 174 -5.88 7.91 23.90
CA GLY A 174 -6.71 7.76 25.08
C GLY A 174 -8.12 7.43 24.64
N GLU A 175 -9.04 7.35 25.60
CA GLU A 175 -10.39 6.91 25.33
C GLU A 175 -11.04 7.80 24.26
N ASP A 176 -10.77 9.11 24.30
CA ASP A 176 -11.48 10.02 23.49
C ASP A 176 -10.51 10.97 22.74
N TYR A 177 -9.25 10.55 22.56
CA TYR A 177 -8.40 11.34 21.69
C TYR A 177 -7.28 10.49 21.10
N LEU A 178 -6.70 11.03 20.05
CA LEU A 178 -5.52 10.52 19.47
C LEU A 178 -4.51 11.67 19.34
N SER A 179 -3.32 11.47 19.89
CA SER A 179 -2.26 12.44 19.79
C SER A 179 -1.11 11.83 18.97
N ILE A 180 -0.65 12.59 17.98
CA ILE A 180 0.51 12.22 17.22
C ILE A 180 1.59 13.26 17.51
N ARG A 181 2.76 12.84 17.99
CA ARG A 181 3.73 13.83 18.48
C ARG A 181 5.18 13.41 18.21
N SER A 182 6.04 14.43 18.13
CA SER A 182 7.43 14.23 18.11
C SER A 182 7.84 13.91 19.54
N VAL A 183 9.04 13.35 19.68
CA VAL A 183 9.57 13.00 20.97
C VAL A 183 10.94 13.69 21.07
N GLY A 184 11.74 13.33 22.07
CA GLY A 184 13.17 13.65 22.01
C GLY A 184 13.37 15.14 22.29
N PRO A 185 14.64 15.60 22.29
CA PRO A 185 14.96 16.91 22.87
C PRO A 185 14.81 18.13 21.95
N GLU A 186 14.53 17.98 20.65
CA GLU A 186 14.39 19.15 19.76
C GLU A 186 13.05 19.85 20.04
N ARG A 187 13.02 21.19 19.91
CA ARG A 187 11.83 22.01 20.26
C ARG A 187 11.45 22.87 19.05
N ARG A 188 10.19 23.32 18.98
CA ARG A 188 9.14 22.97 19.89
C ARG A 188 8.68 21.54 19.54
N ARG A 189 8.11 20.81 20.50
CA ARG A 189 7.53 19.51 20.16
C ARG A 189 6.30 19.76 19.32
N VAL A 190 6.16 18.91 18.32
CA VAL A 190 5.06 18.98 17.43
C VAL A 190 4.05 18.01 17.98
N GLU A 191 2.78 18.39 17.92
CA GLU A 191 1.72 17.57 18.43
C GLU A 191 0.47 17.91 17.64
N THR A 192 -0.14 16.88 17.06
CA THR A 192 -1.45 17.00 16.57
C THR A 192 -2.35 16.19 17.49
N ARG A 193 -3.30 16.84 18.16
CA ARG A 193 -4.24 16.19 19.05
C ARG A 193 -5.57 16.18 18.32
N LEU A 194 -6.18 15.00 18.13
CA LEU A 194 -7.48 14.92 17.52
C LEU A 194 -8.44 14.39 18.57
N THR A 195 -9.60 14.99 18.58
CA THR A 195 -10.73 14.52 19.37
C THR A 195 -11.89 14.37 18.39
N ARG A 196 -13.00 13.83 18.89
CA ARG A 196 -14.22 13.64 18.11
C ARG A 196 -14.83 14.98 17.66
N GLU A 197 -14.43 16.12 18.22
CA GLU A 197 -14.78 17.43 17.63
C GLU A 197 -13.88 17.82 16.43
N SER A 198 -12.74 17.14 16.22
CA SER A 198 -11.83 17.50 15.12
C SER A 198 -12.42 17.04 13.79
N PRO A 199 -12.51 17.89 12.76
CA PRO A 199 -13.04 17.43 11.46
C PRO A 199 -12.17 16.30 10.87
N ALA A 200 -10.89 16.31 11.21
CA ALA A 200 -9.93 15.35 10.67
C ALA A 200 -10.17 13.93 11.24
N LEU A 201 -10.79 13.81 12.41
CA LEU A 201 -10.99 12.53 13.05
C LEU A 201 -12.37 12.03 12.67
N ILE A 202 -12.40 11.10 11.72
CA ILE A 202 -13.65 10.53 11.21
C ILE A 202 -14.21 9.53 12.23
N ASP A 203 -13.36 8.69 12.83
CA ASP A 203 -13.81 7.69 13.77
C ASP A 203 -12.64 7.38 14.71
N LEU A 204 -13.00 7.00 15.94
CA LEU A 204 -12.06 6.62 16.95
C LEU A 204 -12.68 5.54 17.84
N GLU A 205 -12.03 4.39 17.95
CA GLU A 205 -12.44 3.33 18.89
C GLU A 205 -11.19 2.88 19.65
N VAL A 206 -11.19 3.09 20.96
CA VAL A 206 -10.07 2.75 21.77
C VAL A 206 -10.56 1.77 22.86
N LYS A 207 -10.15 0.51 22.74
CA LYS A 207 -10.46 -0.57 23.73
C LYS A 207 -9.64 -0.33 25.01
N GLU A 208 -8.34 -0.06 24.85
CA GLU A 208 -7.45 0.33 25.97
C GLU A 208 -6.54 1.45 25.49
N PRO A 209 -5.96 2.29 26.39
CA PRO A 209 -5.03 3.32 25.96
C PRO A 209 -3.85 2.64 25.23
N ALA A 210 -3.27 3.33 24.26
CA ALA A 210 -2.12 2.79 23.54
C ALA A 210 -1.15 3.92 23.27
N THR A 211 0.14 3.67 23.48
CA THR A 211 1.23 4.55 23.18
C THR A 211 2.32 3.74 22.49
N SER A 212 2.71 4.15 21.28
CA SER A 212 3.77 3.47 20.55
CA SER A 212 3.78 3.48 20.54
C SER A 212 4.59 4.50 19.76
N ARG A 213 5.85 4.18 19.52
CA ARG A 213 6.77 4.98 18.74
C ARG A 213 7.18 4.28 17.46
N TYR A 214 7.38 5.04 16.39
CA TYR A 214 7.67 4.50 15.06
C TYR A 214 8.68 5.41 14.38
N ASP A 215 9.34 4.85 13.39
CA ASP A 215 10.30 5.55 12.59
C ASP A 215 9.52 6.48 11.67
N VAL A 216 9.73 7.80 11.80
CA VAL A 216 8.87 8.71 11.06
CA VAL A 216 8.95 8.80 11.06
C VAL A 216 9.28 8.68 9.58
N GLY A 217 10.56 8.44 9.31
CA GLY A 217 11.06 8.36 7.89
C GLY A 217 10.29 7.32 7.10
N TYR A 218 10.12 6.16 7.72
CA TYR A 218 9.42 5.06 7.14
C TYR A 218 7.93 5.38 6.94
N LEU A 219 7.29 5.93 7.95
CA LEU A 219 5.89 6.27 7.88
C LEU A 219 5.65 7.34 6.82
N LYS A 220 6.54 8.32 6.77
CA LYS A 220 6.45 9.37 5.78
C LYS A 220 6.46 8.74 4.35
N ARG A 221 7.39 7.83 4.11
CA ARG A 221 7.47 7.14 2.82
C ARG A 221 6.13 6.43 2.54
N MET A 222 5.55 5.80 3.57
CA MET A 222 4.31 5.06 3.44
C MET A 222 3.15 6.00 3.08
N LEU A 223 3.15 7.21 3.62
CA LEU A 223 2.03 8.15 3.42
C LEU A 223 2.07 8.77 2.02
N GLY A 224 3.11 8.43 1.25
CA GLY A 224 3.18 8.73 -0.22
C GLY A 224 1.92 8.30 -0.97
N VAL A 225 1.25 7.25 -0.48
CA VAL A 225 0.09 6.70 -1.16
C VAL A 225 -1.21 7.41 -0.72
N ALA A 226 -1.11 8.42 0.16
CA ALA A 226 -2.29 9.12 0.73
C ALA A 226 -3.24 9.65 -0.36
N LYS A 227 -2.69 10.02 -1.52
CA LYS A 227 -3.48 10.55 -2.65
C LYS A 227 -4.38 9.49 -3.32
N ILE A 228 -4.34 8.22 -2.90
CA ILE A 228 -5.34 7.23 -3.40
C ILE A 228 -6.61 7.19 -2.51
N ALA A 229 -6.51 7.67 -1.25
CA ALA A 229 -7.67 7.64 -0.31
C ALA A 229 -7.77 8.96 0.45
N GLU A 230 -9.01 9.42 0.63
CA GLU A 230 -9.32 10.59 1.46
C GLU A 230 -8.88 10.35 2.93
N SER A 231 -9.14 9.16 3.46
CA SER A 231 -8.83 8.88 4.84
C SER A 231 -7.96 7.61 4.97
N ILE A 232 -7.34 7.51 6.13
CA ILE A 232 -6.53 6.39 6.49
CA ILE A 232 -6.49 6.41 6.52
C ILE A 232 -7.11 5.76 7.74
N GLU A 233 -7.16 4.42 7.74
CA GLU A 233 -7.53 3.69 8.92
C GLU A 233 -6.27 3.21 9.60
N LEU A 234 -6.08 3.72 10.82
CA LEU A 234 -4.93 3.46 11.67
C LEU A 234 -5.33 2.48 12.76
N SER A 235 -4.44 1.56 13.07
CA SER A 235 -4.68 0.61 14.16
C SER A 235 -3.35 0.33 14.84
N PHE A 236 -3.32 0.34 16.18
CA PHE A 236 -2.11 0.02 16.90
C PHE A 236 -2.41 -0.32 18.37
N SER A 237 -1.36 -0.85 19.02
CA SER A 237 -1.34 -1.20 20.43
C SER A 237 0.00 -0.74 20.96
N THR A 238 0.11 -0.58 22.29
CA THR A 238 1.34 -0.24 22.92
C THR A 238 2.46 -1.19 22.52
N ASP A 239 3.55 -0.58 22.03
CA ASP A 239 4.81 -1.26 21.68
C ASP A 239 4.54 -2.41 20.71
N LYS A 240 3.49 -2.26 19.88
CA LYS A 240 3.16 -3.22 18.82
C LYS A 240 3.05 -2.49 17.49
N PRO A 241 2.99 -3.25 16.35
CA PRO A 241 2.99 -2.66 15.01
C PRO A 241 1.78 -1.74 14.78
N LEU A 242 2.03 -0.68 14.00
CA LEU A 242 1.01 0.13 13.47
C LEU A 242 0.53 -0.48 12.14
N LYS A 243 -0.78 -0.51 11.96
CA LYS A 243 -1.37 -0.84 10.68
C LYS A 243 -2.09 0.40 10.10
N MET A 244 -1.96 0.59 8.80
CA MET A 244 -2.51 1.72 8.08
C MET A 244 -3.15 1.16 6.81
N VAL A 245 -4.45 1.47 6.61
CA VAL A 245 -5.19 0.95 5.51
C VAL A 245 -5.72 2.13 4.72
N PHE A 246 -5.38 2.16 3.44
CA PHE A 246 -5.87 3.11 2.46
C PHE A 246 -6.84 2.43 1.50
N LYS A 247 -8.12 2.84 1.53
CA LYS A 247 -9.19 2.25 0.74
C LYS A 247 -9.50 3.21 -0.40
N SER A 248 -9.17 2.82 -1.63
CA SER A 248 -9.49 3.65 -2.79
C SER A 248 -10.99 3.56 -3.08
N PRO A 249 -11.62 4.65 -3.58
CA PRO A 249 -13.02 4.58 -4.01
C PRO A 249 -13.30 3.48 -5.07
N ASP A 250 -12.31 3.16 -5.91
CA ASP A 250 -12.45 2.14 -6.98
C ASP A 250 -12.39 0.69 -6.41
N GLY A 251 -12.11 0.54 -5.12
CA GLY A 251 -12.10 -0.74 -4.45
C GLY A 251 -10.68 -1.28 -4.20
N SER A 252 -9.65 -0.76 -4.85
CA SER A 252 -8.28 -1.23 -4.52
C SER A 252 -7.92 -0.81 -3.08
N ARG A 253 -6.93 -1.49 -2.50
CA ARG A 253 -6.62 -1.30 -1.11
C ARG A 253 -5.11 -1.48 -0.93
N VAL A 254 -4.49 -0.59 -0.14
CA VAL A 254 -3.08 -0.69 0.21
C VAL A 254 -3.05 -0.72 1.74
N THR A 255 -2.43 -1.75 2.33
CA THR A 255 -2.22 -1.82 3.76
C THR A 255 -0.73 -1.85 4.04
N TYR A 256 -0.30 -1.12 5.07
CA TYR A 256 1.02 -1.26 5.56
C TYR A 256 1.02 -1.71 7.02
N LEU A 257 2.11 -2.35 7.42
CA LEU A 257 2.37 -2.68 8.81
C LEU A 257 3.78 -2.19 9.12
N LEU A 258 3.95 -1.50 10.23
CA LEU A 258 5.25 -1.01 10.62
C LEU A 258 5.51 -1.40 12.07
N ALA A 259 6.64 -2.05 12.31
CA ALA A 259 7.07 -2.45 13.61
C ALA A 259 7.42 -1.22 14.44
N PRO A 260 7.25 -1.28 15.77
CA PRO A 260 7.57 -0.15 16.65
C PRO A 260 9.08 0.05 16.76
N SER A 261 9.48 1.30 17.03
CA SER A 261 10.80 1.66 17.57
C SER A 261 10.80 1.44 19.10
N THR A 262 11.75 0.65 19.60
CA THR A 262 11.71 0.19 21.01
C THR A 262 13.09 0.43 21.66
#